data_7NPL
#
_entry.id   7NPL
#
_cell.length_a   114.12
_cell.length_b   39.2
_cell.length_c   90.45
_cell.angle_alpha   90
_cell.angle_beta   105.38
_cell.angle_gamma   90
#
_symmetry.space_group_name_H-M   'C 1 2 1'
#
loop_
_entity.id
_entity.type
_entity.pdbx_description
1 polymer Alpha-1-antitrypsin
2 non-polymer N-((1S,2R)-1-(3-chloro-2-methylphenyl)-1-hydroxypentan-2-yl)-2-oxoindoline-4-carboxamide
3 non-polymer GLYCEROL
4 water water
#
_entity_poly.entity_id   1
_entity_poly.type   'polypeptide(L)'
_entity_poly.pdbx_seq_one_letter_code
;MRGSHHHHHHTDPQGDAAQKTDTSHHDQDHPTFNKITPNLAEFAFSLYRQLAHQSNSTNIFFSPVSIATAFAMLSLGTKA
DTHDEILEGLNFNLTEIPEAQIHEGFQELLRTLNQPDSQLQLTTGNGLFLSEGLKLVDKFLEDVKKLYHSEAFTVNFGDT
EEAKKQINDYVEKGTQGKIVDLVKELDRDTVFALVNYIFFKGKWERPFEVKDTEEEDFHVDQVTTVKVPMMKRLGMFNIQ
HSKKLSSWVLLMKYLGNATAIFFLPDEGKLQHLENELTHDIITKFLENEDRRSASLHLPKLSITGTYDLKSVLGQLGITK
VFSNGADLSGVTEEAPLKLSKAVHKAVLTIDEKGTEAAGAMFLEAIPMSIPPEVKFNKPFVFLMIEQNTKSPLFMGKVVN
PTQK
;
_entity_poly.pdbx_strand_id   A
#
loop_
_chem_comp.id
_chem_comp.type
_chem_comp.name
_chem_comp.formula
GOL non-polymer GLYCEROL 'C3 H8 O3'
UKZ non-polymer N-((1S,2R)-1-(3-chloro-2-methylphenyl)-1-hydroxypentan-2-yl)-2-oxoindoline-4-carboxamide 'C21 H23 Cl N2 O3'
#
# COMPACT_ATOMS: atom_id res chain seq x y z
N ASN A 34 2.91 -6.43 16.23
CA ASN A 34 1.49 -6.76 16.13
C ASN A 34 1.34 -8.20 15.59
N LYS A 35 0.47 -9.01 16.25
CA LYS A 35 0.16 -10.39 15.90
C LYS A 35 -0.10 -10.64 14.39
N ILE A 36 -0.71 -9.67 13.69
CA ILE A 36 -1.02 -9.89 12.28
C ILE A 36 0.06 -9.36 11.32
N THR A 37 1.17 -8.79 11.83
CA THR A 37 2.23 -8.30 10.97
C THR A 37 2.79 -9.41 10.03
N PRO A 38 3.07 -10.65 10.51
CA PRO A 38 3.58 -11.69 9.58
C PRO A 38 2.61 -11.99 8.44
N ASN A 39 1.30 -11.96 8.72
CA ASN A 39 0.29 -12.19 7.68
C ASN A 39 0.27 -11.06 6.69
N LEU A 40 0.34 -9.81 7.17
CA LEU A 40 0.36 -8.66 6.29
C LEU A 40 1.63 -8.68 5.40
N ALA A 41 2.76 -9.16 5.95
CA ALA A 41 4.02 -9.24 5.22
C ALA A 41 3.86 -10.26 4.10
N GLU A 42 3.26 -11.41 4.38
CA GLU A 42 3.03 -12.42 3.34
C GLU A 42 2.07 -11.93 2.27
N PHE A 43 1.03 -11.19 2.68
CA PHE A 43 0.09 -10.58 1.76
C PHE A 43 0.80 -9.56 0.86
N ALA A 44 1.71 -8.75 1.43
CA ALA A 44 2.48 -7.78 0.66
C ALA A 44 3.30 -8.49 -0.41
N PHE A 45 4.00 -9.58 -0.05
CA PHE A 45 4.79 -10.32 -1.02
C PHE A 45 3.95 -11.01 -2.06
N SER A 46 2.81 -11.60 -1.68
CA SER A 46 1.94 -12.28 -2.64
C SER A 46 1.42 -11.29 -3.65
N LEU A 47 0.99 -10.13 -3.17
CA LEU A 47 0.45 -9.11 -4.04
C LEU A 47 1.54 -8.50 -4.92
N TYR A 48 2.70 -8.21 -4.33
CA TYR A 48 3.83 -7.68 -5.07
C TYR A 48 4.25 -8.63 -6.22
N ARG A 49 4.43 -9.92 -5.92
CA ARG A 49 4.87 -10.90 -6.90
C ARG A 49 3.87 -11.16 -8.01
N GLN A 50 2.57 -11.03 -7.72
CA GLN A 50 1.55 -11.17 -8.77
C GLN A 50 1.70 -9.97 -9.74
N LEU A 51 1.84 -8.74 -9.20
CA LEU A 51 2.00 -7.56 -10.06
C LEU A 51 3.31 -7.57 -10.84
N ALA A 52 4.41 -8.01 -10.21
CA ALA A 52 5.71 -8.07 -10.89
C ALA A 52 5.71 -9.14 -11.99
N HIS A 53 4.95 -10.24 -11.80
CA HIS A 53 4.83 -11.32 -12.78
C HIS A 53 4.08 -10.82 -14.01
N GLN A 54 3.04 -10.00 -13.82
CA GLN A 54 2.23 -9.46 -14.92
C GLN A 54 3.06 -8.66 -15.92
N SER A 55 3.89 -7.74 -15.43
CA SER A 55 4.72 -6.90 -16.29
C SER A 55 6.01 -6.56 -15.57
N ASN A 56 7.15 -6.77 -16.24
CA ASN A 56 8.46 -6.44 -15.68
C ASN A 56 8.92 -4.99 -16.00
N SER A 57 8.12 -4.22 -16.76
CA SER A 57 8.44 -2.84 -17.14
C SER A 57 7.61 -1.79 -16.39
N THR A 58 6.68 -2.20 -15.51
CA THR A 58 5.81 -1.24 -14.83
C THR A 58 6.21 -0.91 -13.40
N ASN A 59 5.89 0.29 -12.99
CA ASN A 59 6.06 0.73 -11.62
C ASN A 59 5.00 -0.02 -10.77
N ILE A 60 5.33 -0.26 -9.53
CA ILE A 60 4.43 -0.91 -8.60
C ILE A 60 4.41 -0.05 -7.33
N PHE A 61 3.21 0.28 -6.83
CA PHE A 61 3.11 1.09 -5.61
C PHE A 61 1.75 0.87 -4.97
N PHE A 62 1.72 0.16 -3.85
CA PHE A 62 0.44 -0.12 -3.20
C PHE A 62 0.65 -0.25 -1.68
N SER A 63 -0.47 -0.22 -0.93
CA SER A 63 -0.38 -0.37 0.50
C SER A 63 -0.95 -1.70 0.92
N PRO A 64 -0.07 -2.66 1.32
CA PRO A 64 -0.57 -3.94 1.82
C PRO A 64 -1.50 -3.72 3.02
N VAL A 65 -1.11 -2.81 3.93
CA VAL A 65 -1.88 -2.49 5.12
C VAL A 65 -3.29 -1.93 4.79
N SER A 66 -3.37 -0.93 3.90
CA SER A 66 -4.65 -0.31 3.62
C SER A 66 -5.61 -1.26 2.87
N ILE A 67 -5.10 -2.04 1.92
CA ILE A 67 -5.93 -3.00 1.18
C ILE A 67 -6.46 -4.11 2.13
N ALA A 68 -5.57 -4.65 2.98
CA ALA A 68 -5.98 -5.70 3.90
C ALA A 68 -6.97 -5.18 4.92
N THR A 69 -6.79 -3.95 5.42
CA THR A 69 -7.71 -3.33 6.38
C THR A 69 -9.10 -3.17 5.75
N ALA A 70 -9.16 -2.72 4.48
CA ALA A 70 -10.42 -2.56 3.74
C ALA A 70 -11.15 -3.91 3.60
N PHE A 71 -10.44 -4.98 3.24
CA PHE A 71 -11.07 -6.28 3.03
C PHE A 71 -11.37 -7.02 4.36
N ALA A 72 -10.60 -6.80 5.44
CA ALA A 72 -10.95 -7.36 6.75
C ALA A 72 -12.26 -6.69 7.22
N MET A 73 -12.38 -5.37 7.01
CA MET A 73 -13.57 -4.60 7.30
C MET A 73 -14.76 -5.16 6.51
N LEU A 74 -14.62 -5.34 5.19
CA LEU A 74 -15.68 -5.89 4.33
C LEU A 74 -16.11 -7.27 4.82
N SER A 75 -15.17 -8.09 5.33
CA SER A 75 -15.43 -9.44 5.83
C SER A 75 -16.47 -9.49 6.96
N LEU A 76 -16.64 -8.41 7.76
CA LEU A 76 -17.66 -8.36 8.82
C LEU A 76 -19.10 -8.47 8.28
N GLY A 77 -19.31 -8.10 7.02
CA GLY A 77 -20.63 -8.18 6.40
C GLY A 77 -20.79 -9.38 5.49
N THR A 78 -19.84 -10.33 5.55
CA THR A 78 -19.86 -11.55 4.76
C THR A 78 -19.97 -12.79 5.66
N LYS A 79 -20.35 -13.93 5.08
CA LYS A 79 -20.48 -15.20 5.80
C LYS A 79 -19.95 -16.36 4.94
N ALA A 80 -19.72 -17.51 5.60
CA ALA A 80 -19.40 -18.80 5.00
C ALA A 80 -18.19 -18.71 3.96
N ASP A 81 -18.20 -19.35 2.75
CA ASP A 81 -17.06 -19.35 1.85
C ASP A 81 -16.69 -17.97 1.34
N THR A 82 -17.67 -17.03 1.24
CA THR A 82 -17.38 -15.65 0.82
C THR A 82 -16.44 -15.01 1.86
N HIS A 83 -16.77 -15.17 3.14
CA HIS A 83 -15.98 -14.65 4.23
C HIS A 83 -14.59 -15.32 4.29
N ASP A 84 -14.56 -16.66 4.29
CA ASP A 84 -13.30 -17.39 4.40
C ASP A 84 -12.36 -17.11 3.27
N GLU A 85 -12.87 -16.97 2.04
CA GLU A 85 -12.03 -16.66 0.88
C GLU A 85 -11.31 -15.31 1.06
N ILE A 86 -12.01 -14.32 1.65
CA ILE A 86 -11.41 -13.00 1.87
C ILE A 86 -10.23 -13.11 2.84
N LEU A 87 -10.44 -13.66 4.05
CA LEU A 87 -9.37 -13.76 5.04
C LEU A 87 -8.22 -14.68 4.58
N GLU A 88 -8.51 -15.81 3.92
CA GLU A 88 -7.45 -16.67 3.38
C GLU A 88 -6.70 -15.91 2.24
N GLY A 89 -7.39 -15.07 1.50
CA GLY A 89 -6.80 -14.24 0.45
C GLY A 89 -5.84 -13.18 0.98
N LEU A 90 -6.03 -12.78 2.25
CA LEU A 90 -5.15 -11.85 2.98
C LEU A 90 -4.03 -12.63 3.75
N ASN A 91 -3.88 -13.94 3.50
CA ASN A 91 -2.86 -14.80 4.07
C ASN A 91 -3.08 -15.10 5.55
N PHE A 92 -4.35 -15.23 5.95
CA PHE A 92 -4.65 -15.69 7.31
C PHE A 92 -5.11 -17.13 7.19
N ASN A 93 -4.44 -18.04 7.87
CA ASN A 93 -4.81 -19.45 7.88
C ASN A 93 -5.83 -19.60 9.00
N LEU A 94 -7.10 -19.78 8.63
CA LEU A 94 -8.25 -19.83 9.55
C LEU A 94 -8.34 -21.08 10.43
N THR A 95 -7.49 -22.07 10.16
CA THR A 95 -7.41 -23.25 11.03
C THR A 95 -6.43 -22.98 12.18
N GLU A 96 -5.58 -21.92 12.10
CA GLU A 96 -4.59 -21.57 13.12
C GLU A 96 -4.91 -20.30 13.91
N ILE A 97 -5.43 -19.26 13.25
CA ILE A 97 -5.71 -18.00 13.93
C ILE A 97 -7.21 -17.70 14.06
N PRO A 98 -7.69 -17.55 15.31
CA PRO A 98 -9.11 -17.21 15.52
C PRO A 98 -9.46 -15.87 14.89
N GLU A 99 -10.69 -15.74 14.39
CA GLU A 99 -11.13 -14.51 13.75
C GLU A 99 -11.06 -13.31 14.66
N ALA A 100 -11.37 -13.48 15.95
CA ALA A 100 -11.32 -12.39 16.93
C ALA A 100 -9.94 -11.73 16.97
N GLN A 101 -8.87 -12.53 16.94
CA GLN A 101 -7.50 -12.01 16.96
C GLN A 101 -7.14 -11.26 15.70
N ILE A 102 -7.77 -11.60 14.56
CA ILE A 102 -7.48 -10.90 13.32
C ILE A 102 -8.06 -9.50 13.41
N HIS A 103 -9.32 -9.38 13.85
CA HIS A 103 -9.97 -8.07 13.96
C HIS A 103 -9.33 -7.23 15.03
N GLU A 104 -8.93 -7.84 16.15
CA GLU A 104 -8.23 -7.12 17.21
C GLU A 104 -6.89 -6.59 16.70
N GLY A 105 -6.20 -7.38 15.89
CA GLY A 105 -4.93 -6.97 15.30
C GLY A 105 -5.10 -5.78 14.39
N PHE A 106 -6.12 -5.82 13.52
CA PHE A 106 -6.44 -4.69 12.62
C PHE A 106 -6.85 -3.43 13.42
N GLN A 107 -7.68 -3.57 14.46
CA GLN A 107 -8.11 -2.44 15.29
C GLN A 107 -6.91 -1.80 16.02
N GLU A 108 -5.98 -2.63 16.53
CA GLU A 108 -4.77 -2.13 17.18
C GLU A 108 -3.88 -1.39 16.19
N LEU A 109 -3.79 -1.90 14.95
CA LEU A 109 -3.01 -1.29 13.88
C LEU A 109 -3.57 0.07 13.55
N LEU A 110 -4.90 0.16 13.43
CA LEU A 110 -5.60 1.40 13.13
C LEU A 110 -5.42 2.43 14.22
N ARG A 111 -5.44 2.00 15.50
CA ARG A 111 -5.19 2.87 16.65
C ARG A 111 -3.80 3.53 16.53
N THR A 112 -2.80 2.74 16.11
CA THR A 112 -1.43 3.23 15.94
C THR A 112 -1.34 4.24 14.79
N LEU A 113 -1.96 3.92 13.64
CA LEU A 113 -1.96 4.79 12.45
C LEU A 113 -2.78 6.07 12.64
N ASN A 114 -3.73 6.09 13.59
CA ASN A 114 -4.55 7.26 13.86
C ASN A 114 -4.03 8.13 15.02
N GLN A 115 -2.77 7.97 15.41
CA GLN A 115 -2.17 8.80 16.46
C GLN A 115 -1.78 10.16 15.87
N PRO A 116 -1.86 11.26 16.66
CA PRO A 116 -1.58 12.60 16.10
C PRO A 116 -0.36 12.72 15.18
N ASP A 117 0.82 12.27 15.62
CA ASP A 117 2.03 12.38 14.78
C ASP A 117 1.94 11.58 13.48
N SER A 118 1.22 10.45 13.52
CA SER A 118 1.03 9.63 12.33
C SER A 118 0.08 10.39 11.39
N GLN A 119 -1.06 10.88 11.91
CA GLN A 119 -2.08 11.67 11.17
C GLN A 119 -1.48 12.92 10.49
N LEU A 120 -0.38 13.47 11.03
CA LEU A 120 0.30 14.63 10.45
C LEU A 120 0.88 14.30 9.06
N GLN A 121 1.30 13.05 8.85
CA GLN A 121 1.89 12.64 7.58
C GLN A 121 1.00 11.67 6.80
N LEU A 122 0.15 10.91 7.49
CA LEU A 122 -0.62 9.85 6.85
C LEU A 122 -2.11 10.06 6.88
N THR A 123 -2.75 9.94 5.73
CA THR A 123 -4.21 9.98 5.67
C THR A 123 -4.67 8.66 5.05
N THR A 124 -5.54 7.94 5.73
CA THR A 124 -6.08 6.70 5.18
C THR A 124 -7.60 6.69 5.32
N GLY A 125 -8.26 6.00 4.39
CA GLY A 125 -9.71 5.92 4.42
C GLY A 125 -10.32 4.86 3.54
N ASN A 126 -11.53 4.48 3.89
CA ASN A 126 -12.35 3.52 3.18
C ASN A 126 -13.72 4.09 3.03
N GLY A 127 -14.23 4.04 1.81
CA GLY A 127 -15.57 4.51 1.53
C GLY A 127 -16.35 3.36 0.94
N LEU A 128 -17.49 3.03 1.54
CA LEU A 128 -18.39 2.00 1.06
C LEU A 128 -19.60 2.75 0.50
N PHE A 129 -19.98 2.45 -0.72
CA PHE A 129 -21.06 3.14 -1.41
C PHE A 129 -22.08 2.09 -1.75
N LEU A 130 -23.23 2.20 -1.12
CA LEU A 130 -24.29 1.22 -1.27
C LEU A 130 -25.50 1.84 -1.90
N SER A 131 -26.14 1.09 -2.77
CA SER A 131 -27.35 1.48 -3.46
C SER A 131 -28.46 1.92 -2.48
N GLU A 132 -29.12 3.05 -2.78
CA GLU A 132 -30.25 3.53 -1.98
C GLU A 132 -31.41 2.56 -2.14
N GLY A 133 -32.23 2.42 -1.10
CA GLY A 133 -33.33 1.46 -1.14
C GLY A 133 -32.97 0.06 -0.69
N LEU A 134 -31.70 -0.17 -0.31
CA LEU A 134 -31.27 -1.43 0.26
C LEU A 134 -31.46 -1.29 1.76
N LYS A 135 -32.05 -2.31 2.42
CA LYS A 135 -32.21 -2.26 3.87
C LYS A 135 -30.88 -2.69 4.50
N LEU A 136 -30.13 -1.73 5.06
CA LEU A 136 -28.83 -2.03 5.62
C LEU A 136 -28.87 -2.57 7.05
N VAL A 137 -27.95 -3.48 7.37
CA VAL A 137 -27.86 -4.06 8.70
C VAL A 137 -27.13 -3.07 9.59
N ASP A 138 -27.80 -2.62 10.66
CA ASP A 138 -27.22 -1.66 11.60
C ASP A 138 -25.91 -2.14 12.21
N LYS A 139 -25.81 -3.42 12.60
CA LYS A 139 -24.58 -3.95 13.21
C LYS A 139 -23.37 -3.78 12.29
N PHE A 140 -23.54 -4.00 10.97
CA PHE A 140 -22.44 -3.82 10.02
C PHE A 140 -21.99 -2.36 9.99
N LEU A 141 -22.93 -1.40 9.92
CA LEU A 141 -22.60 0.02 9.88
C LEU A 141 -21.92 0.48 11.18
N GLU A 142 -22.35 -0.08 12.32
CA GLU A 142 -21.76 0.27 13.60
C GLU A 142 -20.33 -0.29 13.67
N ASP A 143 -20.14 -1.55 13.26
CA ASP A 143 -18.82 -2.19 13.27
C ASP A 143 -17.85 -1.52 12.29
N VAL A 144 -18.34 -1.07 11.14
CA VAL A 144 -17.50 -0.40 10.15
C VAL A 144 -16.96 0.92 10.73
N LYS A 145 -17.83 1.76 11.31
CA LYS A 145 -17.46 3.04 11.90
C LYS A 145 -16.62 2.92 13.18
N LYS A 146 -17.08 2.11 14.14
CA LYS A 146 -16.39 1.97 15.42
C LYS A 146 -15.07 1.22 15.34
N LEU A 147 -15.05 0.04 14.71
CA LEU A 147 -13.85 -0.78 14.66
C LEU A 147 -12.87 -0.40 13.57
N TYR A 148 -13.37 -0.03 12.38
CA TYR A 148 -12.49 0.27 11.26
C TYR A 148 -12.43 1.74 10.86
N HIS A 149 -13.18 2.61 11.55
CA HIS A 149 -13.21 4.05 11.27
C HIS A 149 -13.52 4.39 9.83
N SER A 150 -14.32 3.55 9.17
CA SER A 150 -14.66 3.77 7.78
C SER A 150 -16.05 4.39 7.66
N GLU A 151 -16.36 4.96 6.50
CA GLU A 151 -17.67 5.57 6.27
C GLU A 151 -18.49 4.78 5.25
N ALA A 152 -19.77 4.61 5.53
CA ALA A 152 -20.68 3.95 4.62
C ALA A 152 -21.66 5.00 4.12
N PHE A 153 -21.86 5.06 2.81
CA PHE A 153 -22.75 6.03 2.19
C PHE A 153 -23.78 5.33 1.35
N THR A 154 -24.93 5.97 1.23
CA THR A 154 -26.03 5.51 0.42
C THR A 154 -26.05 6.40 -0.83
N VAL A 155 -26.03 5.81 -2.02
CA VAL A 155 -25.92 6.57 -3.28
C VAL A 155 -26.89 6.07 -4.35
N ASN A 156 -27.25 6.93 -5.31
CA ASN A 156 -28.17 6.54 -6.38
C ASN A 156 -27.35 6.01 -7.57
N PHE A 157 -27.24 4.69 -7.66
CA PHE A 157 -26.55 4.06 -8.79
C PHE A 157 -27.43 4.03 -10.10
N GLY A 158 -28.66 4.51 -10.04
CA GLY A 158 -29.49 4.70 -11.23
C GLY A 158 -28.94 5.81 -12.13
N ASP A 159 -28.07 6.68 -11.59
CA ASP A 159 -27.37 7.71 -12.31
C ASP A 159 -25.89 7.41 -12.10
N THR A 160 -25.36 6.52 -12.95
CA THR A 160 -23.99 6.04 -12.92
C THR A 160 -22.94 7.17 -13.02
N GLU A 161 -23.23 8.26 -13.77
CA GLU A 161 -22.29 9.36 -13.88
C GLU A 161 -22.26 10.21 -12.61
N GLU A 162 -23.43 10.39 -11.97
CA GLU A 162 -23.49 11.16 -10.73
C GLU A 162 -22.92 10.37 -9.57
N ALA A 163 -23.15 9.05 -9.55
CA ALA A 163 -22.63 8.18 -8.49
C ALA A 163 -21.09 8.19 -8.52
N LYS A 164 -20.50 8.15 -9.72
CA LYS A 164 -19.06 8.19 -9.93
C LYS A 164 -18.51 9.54 -9.45
N LYS A 165 -19.26 10.63 -9.69
CA LYS A 165 -18.89 11.96 -9.23
C LYS A 165 -18.91 12.05 -7.70
N GLN A 166 -19.96 11.52 -7.04
CA GLN A 166 -20.08 11.52 -5.58
C GLN A 166 -18.97 10.71 -4.92
N ILE A 167 -18.61 9.54 -5.49
CA ILE A 167 -17.52 8.73 -4.96
C ILE A 167 -16.19 9.51 -5.01
N ASN A 168 -15.87 10.08 -6.18
CA ASN A 168 -14.65 10.86 -6.38
C ASN A 168 -14.61 12.11 -5.50
N ASP A 169 -15.77 12.77 -5.30
CA ASP A 169 -15.83 13.93 -4.41
C ASP A 169 -15.50 13.53 -2.97
N TYR A 170 -15.94 12.36 -2.51
CA TYR A 170 -15.61 11.85 -1.17
C TYR A 170 -14.07 11.68 -1.04
N VAL A 171 -13.44 11.03 -2.02
CA VAL A 171 -12.00 10.81 -2.01
C VAL A 171 -11.24 12.14 -2.08
N GLU A 172 -11.69 13.08 -2.93
CA GLU A 172 -11.05 14.39 -3.06
C GLU A 172 -11.15 15.18 -1.75
N LYS A 173 -12.33 15.17 -1.12
CA LYS A 173 -12.54 15.85 0.16
C LYS A 173 -11.66 15.23 1.24
N GLY A 174 -11.60 13.90 1.27
CA GLY A 174 -10.78 13.15 2.22
C GLY A 174 -9.28 13.33 2.05
N THR A 175 -8.82 13.65 0.83
CA THR A 175 -7.39 13.87 0.58
C THR A 175 -7.04 15.34 0.32
N GLN A 176 -7.95 16.28 0.64
CA GLN A 176 -7.77 17.71 0.43
C GLN A 176 -7.32 18.06 -0.98
N GLY A 177 -7.92 17.43 -1.98
CA GLY A 177 -7.62 17.70 -3.38
C GLY A 177 -6.57 16.83 -4.03
N LYS A 178 -5.75 16.14 -3.23
CA LYS A 178 -4.68 15.28 -3.75
C LYS A 178 -5.14 14.21 -4.76
N ILE A 179 -6.15 13.40 -4.41
CA ILE A 179 -6.66 12.37 -5.30
C ILE A 179 -7.95 12.77 -6.01
N VAL A 180 -7.90 12.90 -7.34
CA VAL A 180 -9.06 13.27 -8.14
C VAL A 180 -9.34 12.28 -9.26
N ASP A 181 -10.61 12.16 -9.67
CA ASP A 181 -11.09 11.24 -10.70
C ASP A 181 -10.57 9.80 -10.53
N LEU A 182 -10.53 9.32 -9.28
CA LEU A 182 -10.08 7.99 -8.92
C LEU A 182 -10.87 6.85 -9.61
N VAL A 183 -12.20 6.98 -9.68
CA VAL A 183 -13.03 6.00 -10.35
C VAL A 183 -13.30 6.56 -11.74
N LYS A 184 -12.63 6.01 -12.75
CA LYS A 184 -12.80 6.50 -14.12
C LYS A 184 -14.05 5.98 -14.79
N GLU A 185 -14.50 4.77 -14.43
CA GLU A 185 -15.71 4.19 -15.01
C GLU A 185 -16.45 3.33 -13.99
N LEU A 186 -17.78 3.31 -14.08
CA LEU A 186 -18.62 2.51 -13.21
C LEU A 186 -19.50 1.63 -14.07
N ASP A 187 -19.64 0.36 -13.71
CA ASP A 187 -20.52 -0.53 -14.47
C ASP A 187 -21.97 -0.12 -14.24
N ARG A 188 -22.79 -0.29 -15.29
CA ARG A 188 -24.20 0.06 -15.31
C ARG A 188 -24.97 -0.62 -14.17
N ASP A 189 -24.66 -1.89 -13.86
CA ASP A 189 -25.35 -2.66 -12.83
C ASP A 189 -24.77 -2.50 -11.40
N THR A 190 -23.86 -1.54 -11.18
CA THR A 190 -23.24 -1.35 -9.86
C THR A 190 -24.29 -1.13 -8.76
N VAL A 191 -24.19 -1.91 -7.69
CA VAL A 191 -25.03 -1.76 -6.49
C VAL A 191 -24.18 -1.51 -5.21
N PHE A 192 -22.87 -1.75 -5.28
CA PHE A 192 -21.96 -1.66 -4.14
C PHE A 192 -20.53 -1.40 -4.63
N ALA A 193 -19.92 -0.32 -4.15
CA ALA A 193 -18.55 0.01 -4.50
C ALA A 193 -17.75 0.29 -3.23
N LEU A 194 -16.48 -0.08 -3.27
CA LEU A 194 -15.56 0.10 -2.16
C LEU A 194 -14.37 0.86 -2.72
N VAL A 195 -13.99 1.92 -2.05
CA VAL A 195 -12.87 2.73 -2.45
C VAL A 195 -11.92 2.82 -1.27
N ASN A 196 -10.66 2.51 -1.52
CA ASN A 196 -9.65 2.49 -0.50
C ASN A 196 -8.54 3.40 -0.92
N TYR A 197 -8.18 4.33 -0.06
CA TYR A 197 -7.10 5.25 -0.40
C TYR A 197 -6.14 5.46 0.76
N ILE A 198 -4.92 5.87 0.42
CA ILE A 198 -3.90 6.15 1.40
C ILE A 198 -2.95 7.19 0.83
N PHE A 199 -2.70 8.24 1.58
CA PHE A 199 -1.83 9.31 1.16
C PHE A 199 -0.76 9.49 2.23
N PHE A 200 0.50 9.54 1.80
CA PHE A 200 1.62 9.73 2.72
C PHE A 200 2.48 10.92 2.31
N LYS A 201 2.71 11.80 3.26
CA LYS A 201 3.53 12.98 3.11
C LYS A 201 4.89 12.57 3.65
N GLY A 202 5.83 12.31 2.75
CA GLY A 202 7.16 11.86 3.11
C GLY A 202 8.17 12.96 3.36
N LYS A 203 8.78 12.93 4.55
CA LYS A 203 9.85 13.85 4.93
C LYS A 203 10.82 13.11 5.84
N TRP A 204 12.12 13.18 5.55
CA TRP A 204 13.14 12.55 6.39
C TRP A 204 13.06 13.09 7.82
N GLU A 205 13.12 12.19 8.79
CA GLU A 205 13.03 12.53 10.19
C GLU A 205 14.29 13.32 10.64
N ARG A 206 15.47 12.85 10.25
CA ARG A 206 16.73 13.48 10.61
C ARG A 206 17.00 14.74 9.83
N PRO A 207 17.27 15.86 10.55
CA PRO A 207 17.59 17.12 9.85
C PRO A 207 18.89 16.96 9.08
N PHE A 208 18.85 17.31 7.80
CA PHE A 208 20.02 17.18 6.93
C PHE A 208 20.41 18.51 6.31
N GLU A 209 21.73 18.68 6.04
CA GLU A 209 22.25 19.89 5.41
C GLU A 209 21.79 19.95 3.94
N VAL A 210 20.64 20.62 3.72
CA VAL A 210 19.98 20.77 2.42
C VAL A 210 20.89 21.30 1.32
N LYS A 211 20.88 20.60 0.19
CA LYS A 211 21.64 20.93 -1.02
C LYS A 211 20.65 21.11 -2.20
N ASP A 212 21.12 21.65 -3.33
CA ASP A 212 20.25 21.82 -4.51
C ASP A 212 19.95 20.43 -5.08
N THR A 213 18.68 20.15 -5.42
CA THR A 213 18.33 18.85 -6.00
C THR A 213 18.73 18.88 -7.46
N GLU A 214 20.02 18.61 -7.74
CA GLU A 214 20.57 18.62 -9.09
C GLU A 214 19.92 17.55 -9.95
N GLU A 215 19.50 17.91 -11.16
CA GLU A 215 18.91 16.95 -12.09
C GLU A 215 20.00 15.97 -12.52
N GLU A 216 19.65 14.69 -12.54
CA GLU A 216 20.57 13.62 -12.83
C GLU A 216 19.87 12.52 -13.63
N ASP A 217 20.68 11.74 -14.35
CA ASP A 217 20.19 10.66 -15.19
C ASP A 217 19.67 9.51 -14.35
N PHE A 218 18.56 8.92 -14.78
CA PHE A 218 17.97 7.75 -14.15
C PHE A 218 17.82 6.72 -15.28
N HIS A 219 18.62 5.66 -15.19
CA HIS A 219 18.64 4.60 -16.18
C HIS A 219 17.48 3.63 -16.00
N VAL A 220 16.36 3.91 -16.71
CA VAL A 220 15.15 3.07 -16.68
C VAL A 220 15.49 1.68 -17.22
N ASP A 221 16.22 1.66 -18.33
CA ASP A 221 16.75 0.45 -18.93
C ASP A 221 17.96 0.84 -19.81
N GLN A 222 18.52 -0.13 -20.58
CA GLN A 222 19.69 0.09 -21.42
C GLN A 222 19.59 1.29 -22.37
N VAL A 223 18.42 1.48 -22.99
CA VAL A 223 18.24 2.56 -23.97
C VAL A 223 17.34 3.71 -23.50
N THR A 224 16.83 3.65 -22.27
CA THR A 224 15.93 4.71 -21.78
C THR A 224 16.49 5.41 -20.55
N THR A 225 16.62 6.73 -20.63
CA THR A 225 17.11 7.54 -19.52
C THR A 225 16.19 8.75 -19.31
N VAL A 226 15.76 9.00 -18.09
CA VAL A 226 14.92 10.16 -17.77
C VAL A 226 15.65 11.02 -16.73
N LYS A 227 15.31 12.33 -16.63
CA LYS A 227 15.97 13.19 -15.64
C LYS A 227 15.16 13.18 -14.36
N VAL A 228 15.85 13.16 -13.19
CA VAL A 228 15.20 13.21 -11.88
C VAL A 228 15.95 14.16 -10.97
N PRO A 229 15.25 14.88 -10.07
CA PRO A 229 15.98 15.69 -9.07
C PRO A 229 16.65 14.73 -8.10
N MET A 230 17.97 14.82 -7.98
CA MET A 230 18.79 13.96 -7.15
C MET A 230 19.41 14.76 -6.00
N MET A 231 19.27 14.26 -4.78
CA MET A 231 19.84 14.90 -3.59
C MET A 231 21.15 14.17 -3.27
N LYS A 232 22.28 14.88 -3.24
CA LYS A 232 23.58 14.26 -2.97
C LYS A 232 23.99 14.47 -1.51
N ARG A 233 24.32 13.38 -0.82
CA ARG A 233 24.68 13.45 0.60
C ARG A 233 25.87 12.58 0.97
N LEU A 234 26.78 13.09 1.79
CA LEU A 234 27.85 12.30 2.36
C LEU A 234 27.56 12.26 3.86
N GLY A 235 27.42 11.06 4.40
CA GLY A 235 27.13 10.92 5.82
C GLY A 235 27.21 9.50 6.33
N MET A 236 26.81 9.30 7.59
CA MET A 236 26.76 7.99 8.21
C MET A 236 25.35 7.47 7.95
N PHE A 237 25.23 6.43 7.16
CA PHE A 237 23.92 5.89 6.78
C PHE A 237 23.80 4.44 7.14
N ASN A 238 22.54 4.01 7.34
CA ASN A 238 22.23 2.62 7.58
C ASN A 238 22.15 1.99 6.20
N ILE A 239 23.30 1.60 5.70
CA ILE A 239 23.45 1.03 4.37
C ILE A 239 24.42 -0.15 4.42
N GLN A 240 24.13 -1.16 3.61
CA GLN A 240 24.98 -2.34 3.54
C GLN A 240 24.76 -3.04 2.19
N HIS A 241 25.77 -3.80 1.73
CA HIS A 241 25.59 -4.57 0.51
C HIS A 241 25.27 -6.00 0.99
N SER A 242 24.18 -6.58 0.49
CA SER A 242 23.70 -7.89 0.88
C SER A 242 24.09 -8.92 -0.15
N LYS A 243 24.86 -9.95 0.26
CA LYS A 243 25.26 -11.05 -0.62
C LYS A 243 24.04 -11.90 -1.03
N LYS A 244 23.13 -12.20 -0.07
CA LYS A 244 21.92 -13.01 -0.29
C LYS A 244 20.99 -12.39 -1.31
N LEU A 245 20.86 -11.05 -1.25
CA LEU A 245 19.98 -10.32 -2.12
C LEU A 245 20.67 -9.71 -3.34
N SER A 246 22.01 -9.77 -3.42
CA SER A 246 22.82 -9.15 -4.48
C SER A 246 22.42 -7.68 -4.68
N SER A 247 22.24 -6.95 -3.57
CA SER A 247 21.75 -5.58 -3.62
C SER A 247 22.33 -4.68 -2.53
N TRP A 248 22.37 -3.38 -2.78
CA TRP A 248 22.66 -2.42 -1.72
C TRP A 248 21.29 -2.27 -1.00
N VAL A 249 21.30 -2.25 0.31
CA VAL A 249 20.11 -2.14 1.15
C VAL A 249 20.27 -0.93 2.04
N LEU A 250 19.42 0.07 1.82
CA LEU A 250 19.46 1.32 2.57
C LEU A 250 18.17 1.50 3.33
N LEU A 251 18.31 1.84 4.61
CA LEU A 251 17.20 2.13 5.51
C LEU A 251 17.21 3.61 5.89
N MET A 252 16.07 4.27 5.70
CA MET A 252 15.91 5.68 6.02
C MET A 252 14.66 5.94 6.83
N LYS A 253 14.77 6.85 7.81
CA LYS A 253 13.65 7.17 8.68
C LYS A 253 12.89 8.41 8.23
N TYR A 254 11.57 8.37 8.34
CA TYR A 254 10.67 9.45 7.93
C TYR A 254 9.77 9.89 9.08
N LEU A 255 9.22 11.12 8.99
CA LEU A 255 8.25 11.61 9.96
C LEU A 255 7.00 10.71 9.90
N GLY A 256 6.37 10.51 11.05
CA GLY A 256 5.20 9.65 11.13
C GLY A 256 5.55 8.22 11.52
N ASN A 257 6.72 8.03 12.16
CA ASN A 257 7.19 6.73 12.64
C ASN A 257 7.27 5.70 11.52
N ALA A 258 7.80 6.09 10.36
CA ALA A 258 7.91 5.19 9.23
C ALA A 258 9.37 5.01 8.83
N THR A 259 9.76 3.79 8.50
CA THR A 259 11.10 3.50 8.03
C THR A 259 10.99 2.92 6.62
N ALA A 260 11.73 3.47 5.68
CA ALA A 260 11.75 2.92 4.33
C ALA A 260 13.01 2.08 4.16
N ILE A 261 12.86 0.98 3.46
CA ILE A 261 13.96 0.12 3.09
C ILE A 261 14.03 0.01 1.54
N PHE A 262 15.15 0.42 0.98
CA PHE A 262 15.37 0.48 -0.45
C PHE A 262 16.41 -0.55 -0.82
N PHE A 263 16.07 -1.35 -1.81
CA PHE A 263 16.91 -2.41 -2.31
C PHE A 263 17.32 -2.06 -3.75
N LEU A 264 18.59 -1.76 -3.92
CA LEU A 264 19.13 -1.41 -5.22
C LEU A 264 19.89 -2.62 -5.78
N PRO A 265 19.26 -3.35 -6.71
CA PRO A 265 19.89 -4.57 -7.21
C PRO A 265 21.14 -4.35 -8.03
N ASP A 266 22.10 -5.30 -7.93
CA ASP A 266 23.32 -5.30 -8.73
C ASP A 266 22.89 -5.52 -10.21
N GLU A 267 23.78 -5.21 -11.16
CA GLU A 267 23.48 -5.36 -12.59
C GLU A 267 22.93 -6.75 -12.94
N GLY A 268 21.74 -6.79 -13.52
CA GLY A 268 21.07 -8.02 -13.89
C GLY A 268 20.53 -8.85 -12.74
N LYS A 269 20.34 -8.24 -11.54
CA LYS A 269 19.88 -9.01 -10.37
C LYS A 269 18.53 -8.59 -9.80
N LEU A 270 17.75 -7.78 -10.52
CA LEU A 270 16.44 -7.37 -10.04
C LEU A 270 15.49 -8.56 -9.78
N GLN A 271 15.37 -9.50 -10.75
CA GLN A 271 14.53 -10.67 -10.54
C GLN A 271 15.02 -11.52 -9.37
N HIS A 272 16.34 -11.71 -9.24
CA HIS A 272 16.91 -12.47 -8.11
C HIS A 272 16.52 -11.81 -6.77
N LEU A 273 16.64 -10.48 -6.69
CA LEU A 273 16.27 -9.72 -5.51
C LEU A 273 14.80 -9.96 -5.14
N GLU A 274 13.88 -9.83 -6.13
CA GLU A 274 12.45 -10.02 -5.87
C GLU A 274 12.13 -11.42 -5.41
N ASN A 275 12.84 -12.42 -5.96
CA ASN A 275 12.65 -13.82 -5.60
C ASN A 275 13.16 -14.14 -4.20
N GLU A 276 14.31 -13.56 -3.81
CA GLU A 276 14.92 -13.88 -2.54
C GLU A 276 14.38 -13.15 -1.32
N LEU A 277 13.51 -12.14 -1.50
CA LEU A 277 12.97 -11.38 -0.38
C LEU A 277 12.06 -12.20 0.52
N THR A 278 12.30 -12.14 1.83
CA THR A 278 11.44 -12.82 2.81
C THR A 278 11.18 -11.87 3.98
N HIS A 279 10.18 -12.18 4.80
CA HIS A 279 9.84 -11.40 5.97
C HIS A 279 10.97 -11.45 7.01
N ASP A 280 11.64 -12.61 7.17
CA ASP A 280 12.70 -12.75 8.16
C ASP A 280 13.90 -11.91 7.76
N ILE A 281 14.24 -11.91 6.46
CA ILE A 281 15.34 -11.11 5.93
C ILE A 281 15.09 -9.62 6.19
N ILE A 282 13.85 -9.17 5.95
CA ILE A 282 13.51 -7.78 6.21
C ILE A 282 13.59 -7.44 7.71
N THR A 283 13.11 -8.32 8.59
CA THR A 283 13.21 -8.11 10.05
C THR A 283 14.68 -7.91 10.49
N LYS A 284 15.61 -8.70 9.94
CA LYS A 284 17.03 -8.56 10.29
C LYS A 284 17.54 -7.17 9.92
N PHE A 285 17.15 -6.66 8.73
CA PHE A 285 17.55 -5.32 8.29
C PHE A 285 17.04 -4.24 9.24
N LEU A 286 15.78 -4.33 9.69
CA LEU A 286 15.14 -3.38 10.62
C LEU A 286 15.76 -3.38 12.00
N GLU A 287 16.30 -4.52 12.44
CA GLU A 287 16.90 -4.60 13.76
C GLU A 287 18.31 -4.05 13.79
N ASN A 288 19.00 -4.00 12.63
CA ASN A 288 20.36 -3.50 12.49
C ASN A 288 20.43 -1.98 12.63
N GLU A 289 21.31 -1.50 13.50
CA GLU A 289 21.50 -0.05 13.65
C GLU A 289 22.92 0.39 13.23
N ASP A 290 23.76 -0.54 12.74
CA ASP A 290 25.09 -0.24 12.26
C ASP A 290 24.99 0.73 11.07
N ARG A 291 25.89 1.70 11.08
CA ARG A 291 25.99 2.73 10.08
C ARG A 291 27.37 2.78 9.53
N ARG A 292 27.50 3.31 8.32
CA ARG A 292 28.80 3.50 7.71
C ARG A 292 28.77 4.77 6.85
N SER A 293 29.96 5.30 6.56
CA SER A 293 30.15 6.47 5.74
C SER A 293 29.78 6.09 4.31
N ALA A 294 29.02 6.91 3.62
CA ALA A 294 28.64 6.67 2.23
C ALA A 294 28.27 7.96 1.53
N SER A 295 28.54 8.04 0.22
CA SER A 295 28.15 9.16 -0.62
C SER A 295 26.93 8.69 -1.41
N LEU A 296 25.75 9.17 -1.08
CA LEU A 296 24.51 8.72 -1.71
C LEU A 296 23.90 9.73 -2.66
N HIS A 297 23.33 9.24 -3.77
CA HIS A 297 22.56 10.04 -4.72
C HIS A 297 21.10 9.50 -4.63
N LEU A 298 20.20 10.27 -4.00
CA LEU A 298 18.82 9.87 -3.71
C LEU A 298 17.79 10.70 -4.47
N PRO A 299 17.04 10.04 -5.36
CA PRO A 299 16.06 10.79 -6.16
C PRO A 299 14.87 11.23 -5.33
N LYS A 300 14.47 12.51 -5.50
CA LYS A 300 13.34 13.04 -4.76
C LYS A 300 12.11 12.69 -5.59
N LEU A 301 11.55 11.47 -5.40
CA LEU A 301 10.42 11.03 -6.21
C LEU A 301 9.12 10.93 -5.49
N SER A 302 8.07 11.43 -6.11
CA SER A 302 6.71 11.23 -5.63
C SER A 302 6.16 10.09 -6.48
N ILE A 303 5.34 9.23 -5.87
CA ILE A 303 4.85 8.07 -6.58
C ILE A 303 3.39 7.80 -6.31
N THR A 304 2.74 7.17 -7.28
CA THR A 304 1.32 6.82 -7.18
C THR A 304 1.04 5.46 -7.80
N GLY A 305 0.05 4.80 -7.26
CA GLY A 305 -0.38 3.51 -7.77
C GLY A 305 -1.89 3.43 -7.65
N THR A 306 -2.56 2.92 -8.69
CA THR A 306 -4.03 2.76 -8.72
C THR A 306 -4.33 1.35 -9.21
N TYR A 307 -5.14 0.59 -8.45
CA TYR A 307 -5.45 -0.77 -8.84
C TYR A 307 -6.91 -1.07 -8.77
N ASP A 308 -7.33 -1.94 -9.70
CA ASP A 308 -8.67 -2.53 -9.75
C ASP A 308 -8.51 -3.75 -8.88
N LEU A 309 -8.98 -3.68 -7.63
CA LEU A 309 -8.83 -4.79 -6.70
C LEU A 309 -9.62 -6.04 -7.09
N LYS A 310 -10.70 -5.91 -7.89
CA LYS A 310 -11.45 -7.11 -8.33
C LYS A 310 -10.56 -7.99 -9.17
N SER A 311 -9.77 -7.39 -10.06
CA SER A 311 -8.85 -8.12 -10.92
C SER A 311 -7.68 -8.69 -10.12
N VAL A 312 -6.98 -7.82 -9.38
CA VAL A 312 -5.81 -8.19 -8.61
C VAL A 312 -6.11 -9.24 -7.52
N LEU A 313 -7.11 -8.97 -6.66
CA LEU A 313 -7.45 -9.88 -5.58
C LEU A 313 -8.08 -11.18 -6.06
N GLY A 314 -8.69 -11.18 -7.26
CA GLY A 314 -9.24 -12.39 -7.86
C GLY A 314 -8.14 -13.39 -8.13
N GLN A 315 -6.97 -12.89 -8.59
CA GLN A 315 -5.80 -13.74 -8.84
C GLN A 315 -5.24 -14.33 -7.53
N LEU A 316 -5.50 -13.68 -6.38
CA LEU A 316 -5.13 -14.19 -5.06
C LEU A 316 -6.24 -15.08 -4.42
N GLY A 317 -7.29 -15.40 -5.17
CA GLY A 317 -8.37 -16.26 -4.70
C GLY A 317 -9.58 -15.58 -4.08
N ILE A 318 -9.66 -14.24 -4.12
CA ILE A 318 -10.81 -13.53 -3.56
C ILE A 318 -11.76 -13.24 -4.72
N THR A 319 -12.71 -14.13 -4.95
CA THR A 319 -13.64 -13.97 -6.06
C THR A 319 -15.12 -13.98 -5.64
N LYS A 320 -15.50 -14.77 -4.62
CA LYS A 320 -16.92 -14.92 -4.27
C LYS A 320 -17.65 -13.63 -3.94
N VAL A 321 -17.00 -12.72 -3.19
CA VAL A 321 -17.58 -11.44 -2.79
C VAL A 321 -17.88 -10.52 -3.98
N PHE A 322 -17.21 -10.74 -5.12
CA PHE A 322 -17.45 -9.98 -6.34
C PHE A 322 -18.41 -10.73 -7.33
N SER A 323 -18.94 -11.91 -6.97
CA SER A 323 -19.80 -12.73 -7.83
C SER A 323 -21.27 -12.68 -7.42
N ASN A 324 -22.19 -13.12 -8.30
CA ASN A 324 -23.61 -13.19 -7.94
C ASN A 324 -23.90 -14.07 -6.72
N GLY A 325 -23.06 -15.07 -6.48
CA GLY A 325 -23.21 -15.95 -5.31
C GLY A 325 -22.72 -15.39 -3.98
N ALA A 326 -22.32 -14.12 -3.92
CA ALA A 326 -21.76 -13.54 -2.69
C ALA A 326 -22.67 -13.59 -1.49
N ASP A 327 -22.12 -14.01 -0.36
CA ASP A 327 -22.88 -14.01 0.87
C ASP A 327 -22.50 -12.75 1.62
N LEU A 328 -23.27 -11.69 1.36
CA LEU A 328 -23.16 -10.39 1.99
C LEU A 328 -24.40 -10.15 2.87
N SER A 329 -24.92 -11.19 3.52
CA SER A 329 -26.10 -11.05 4.39
C SER A 329 -25.82 -10.27 5.69
N GLY A 330 -24.55 -10.01 5.99
CA GLY A 330 -24.20 -9.17 7.11
C GLY A 330 -24.33 -7.70 6.74
N VAL A 331 -24.38 -7.36 5.44
CA VAL A 331 -24.54 -5.99 4.96
C VAL A 331 -26.03 -5.72 4.73
N THR A 332 -26.72 -6.65 4.06
CA THR A 332 -28.15 -6.55 3.78
C THR A 332 -28.77 -7.95 3.86
N GLU A 333 -29.86 -8.09 4.62
CA GLU A 333 -30.48 -9.40 4.84
C GLU A 333 -31.41 -9.89 3.73
N GLU A 334 -32.26 -9.03 3.18
CA GLU A 334 -33.24 -9.46 2.19
C GLU A 334 -32.74 -9.58 0.75
N ALA A 335 -32.17 -8.51 0.18
CA ALA A 335 -31.79 -8.46 -1.24
C ALA A 335 -30.44 -9.06 -1.62
N PRO A 336 -30.34 -9.59 -2.85
CA PRO A 336 -29.03 -10.06 -3.33
C PRO A 336 -28.05 -8.89 -3.41
N LEU A 337 -26.78 -9.17 -3.12
CA LEU A 337 -25.75 -8.13 -3.15
C LEU A 337 -24.42 -8.73 -3.51
N LYS A 338 -23.63 -7.97 -4.24
CA LYS A 338 -22.25 -8.33 -4.56
C LYS A 338 -21.43 -7.04 -4.60
N LEU A 339 -20.12 -7.17 -4.39
CA LEU A 339 -19.24 -6.02 -4.46
C LEU A 339 -18.91 -5.86 -5.93
N SER A 340 -19.46 -4.82 -6.55
CA SER A 340 -19.33 -4.60 -7.99
C SER A 340 -18.00 -4.01 -8.36
N LYS A 341 -17.47 -3.10 -7.50
CA LYS A 341 -16.28 -2.32 -7.77
C LYS A 341 -15.41 -2.15 -6.53
N ALA A 342 -14.09 -2.35 -6.67
CA ALA A 342 -13.17 -2.14 -5.54
C ALA A 342 -11.90 -1.52 -6.10
N VAL A 343 -11.58 -0.29 -5.66
CA VAL A 343 -10.44 0.43 -6.19
C VAL A 343 -9.47 0.83 -5.02
N HIS A 344 -8.18 0.72 -5.27
CA HIS A 344 -7.16 1.16 -4.31
C HIS A 344 -6.34 2.24 -4.97
N LYS A 345 -6.10 3.32 -4.25
CA LYS A 345 -5.19 4.34 -4.71
C LYS A 345 -4.21 4.68 -3.59
N ALA A 346 -2.92 4.64 -3.92
CA ALA A 346 -1.85 4.94 -2.97
C ALA A 346 -1.00 6.08 -3.49
N VAL A 347 -0.79 7.11 -2.68
CA VAL A 347 0.01 8.28 -3.07
C VAL A 347 1.11 8.62 -2.05
N LEU A 348 2.32 8.84 -2.52
CA LEU A 348 3.44 9.26 -1.69
C LEU A 348 3.99 10.51 -2.35
N THR A 349 4.04 11.61 -1.61
CA THR A 349 4.65 12.84 -2.11
C THR A 349 5.80 13.24 -1.16
N ILE A 350 6.92 13.74 -1.72
CA ILE A 350 8.01 14.25 -0.86
C ILE A 350 7.67 15.68 -0.50
N ASP A 351 7.47 15.93 0.80
CA ASP A 351 7.09 17.23 1.31
C ASP A 351 8.28 18.22 1.36
N GLU A 352 9.22 18.06 2.32
CA GLU A 352 10.35 18.97 2.56
C GLU A 352 9.84 20.34 3.04
N PRO A 367 37.28 9.13 8.05
CA PRO A 367 37.71 8.02 7.20
C PRO A 367 38.44 8.52 5.96
N MET A 368 39.78 8.33 5.91
CA MET A 368 40.62 8.77 4.79
C MET A 368 40.41 8.02 3.48
N SER A 369 39.70 6.88 3.50
CA SER A 369 39.43 6.13 2.28
C SER A 369 38.16 6.68 1.65
N ILE A 370 38.14 6.89 0.30
CA ILE A 370 36.95 7.43 -0.39
C ILE A 370 35.78 6.48 -0.17
N PRO A 371 34.74 6.93 0.55
CA PRO A 371 33.63 6.03 0.89
C PRO A 371 32.90 5.49 -0.32
N PRO A 372 32.07 4.43 -0.16
CA PRO A 372 31.32 3.92 -1.33
C PRO A 372 30.38 4.99 -1.88
N GLU A 373 30.23 5.02 -3.18
CA GLU A 373 29.32 5.95 -3.82
C GLU A 373 28.15 5.13 -4.36
N VAL A 374 26.95 5.34 -3.80
CA VAL A 374 25.79 4.55 -4.20
C VAL A 374 24.72 5.45 -4.77
N LYS A 375 24.42 5.28 -6.06
CA LYS A 375 23.43 6.10 -6.72
C LYS A 375 22.18 5.28 -6.94
N PHE A 376 21.04 5.82 -6.50
CA PHE A 376 19.75 5.18 -6.72
C PHE A 376 19.22 5.75 -8.03
N ASN A 377 19.95 5.44 -9.13
CA ASN A 377 19.72 5.99 -10.46
C ASN A 377 19.29 4.92 -11.47
N LYS A 378 18.62 3.87 -11.01
CA LYS A 378 18.12 2.77 -11.84
C LYS A 378 16.99 2.05 -11.05
N PRO A 379 16.22 1.13 -11.66
CA PRO A 379 15.12 0.51 -10.91
C PRO A 379 15.50 -0.05 -9.54
N PHE A 380 14.65 0.23 -8.54
CA PHE A 380 14.90 -0.26 -7.18
C PHE A 380 13.57 -0.70 -6.55
N VAL A 381 13.64 -1.63 -5.64
CA VAL A 381 12.49 -2.15 -4.92
C VAL A 381 12.44 -1.45 -3.54
N PHE A 382 11.26 -1.33 -2.93
CA PHE A 382 11.13 -0.69 -1.64
C PHE A 382 9.99 -1.25 -0.79
N LEU A 383 10.11 -1.02 0.52
CA LEU A 383 9.10 -1.33 1.52
C LEU A 383 9.11 -0.15 2.52
N MET A 384 7.94 0.29 2.96
CA MET A 384 7.85 1.35 3.97
C MET A 384 7.14 0.63 5.12
N ILE A 385 7.77 0.63 6.28
CA ILE A 385 7.29 -0.07 7.45
C ILE A 385 6.88 0.91 8.53
N GLU A 386 5.81 0.62 9.26
CA GLU A 386 5.40 1.46 10.39
C GLU A 386 6.24 0.93 11.57
N GLN A 387 7.00 1.80 12.24
CA GLN A 387 7.92 1.36 13.30
C GLN A 387 7.29 0.67 14.53
N ASN A 388 6.13 1.13 15.04
CA ASN A 388 5.53 0.50 16.23
C ASN A 388 5.03 -0.91 15.96
N THR A 389 4.28 -1.10 14.86
CA THR A 389 3.71 -2.40 14.55
C THR A 389 4.56 -3.29 13.67
N LYS A 390 5.59 -2.73 13.00
CA LYS A 390 6.42 -3.40 12.00
C LYS A 390 5.61 -3.76 10.73
N SER A 391 4.41 -3.19 10.55
CA SER A 391 3.52 -3.46 9.42
C SER A 391 4.01 -2.85 8.12
N PRO A 392 3.76 -3.51 6.98
CA PRO A 392 4.14 -2.92 5.69
C PRO A 392 3.11 -1.91 5.18
N LEU A 393 3.38 -0.62 5.43
CA LEU A 393 2.56 0.48 5.01
C LEU A 393 2.55 0.55 3.51
N PHE A 394 3.70 0.38 2.85
CA PHE A 394 3.74 0.41 1.36
C PHE A 394 4.77 -0.60 0.85
N MET A 395 4.58 -1.03 -0.38
CA MET A 395 5.54 -1.87 -1.04
C MET A 395 5.48 -1.53 -2.50
N GLY A 396 6.63 -1.64 -3.18
CA GLY A 396 6.66 -1.40 -4.61
C GLY A 396 8.03 -1.36 -5.25
N LYS A 397 8.07 -0.85 -6.48
CA LYS A 397 9.29 -0.77 -7.27
C LYS A 397 9.18 0.45 -8.20
N VAL A 398 10.26 1.19 -8.28
CA VAL A 398 10.33 2.33 -9.18
C VAL A 398 11.10 1.82 -10.38
N VAL A 399 10.48 1.78 -11.56
CA VAL A 399 11.09 1.35 -12.82
C VAL A 399 11.29 2.63 -13.67
N ASN A 400 10.20 3.40 -13.87
CA ASN A 400 10.25 4.66 -14.60
C ASN A 400 9.68 5.76 -13.72
N PRO A 401 10.53 6.65 -13.21
CA PRO A 401 10.03 7.73 -12.33
C PRO A 401 9.08 8.71 -13.00
N THR A 402 9.16 8.85 -14.32
CA THR A 402 8.27 9.75 -15.05
C THR A 402 7.09 8.99 -15.68
N GLN A 403 6.72 7.82 -15.15
CA GLN A 403 5.65 6.99 -15.73
C GLN A 403 4.27 7.48 -15.36
N LYS A 404 3.38 7.53 -16.35
CA LYS A 404 1.99 7.95 -16.20
C LYS A 404 1.05 6.76 -16.27
C10 UKZ B . 14.28 14.18 0.18
C13 UKZ B . 13.76 12.89 0.31
C15 UKZ B . 10.65 7.33 -2.22
C17 UKZ B . 9.91 5.41 -3.54
C20 UKZ B . 10.09 6.75 -1.05
C21 UKZ B . 10.17 7.45 0.31
C01 UKZ B . 15.81 6.22 -2.97
C02 UKZ B . 15.10 7.30 -2.16
C03 UKZ B . 13.67 7.53 -2.68
C04 UKZ B . 12.88 8.48 -1.77
N01 UKZ B . 13.50 9.84 -1.76
C05 UKZ B . 13.52 10.56 -0.63
O01 UKZ B . 13.07 10.13 0.43
C06 UKZ B . 14.11 11.92 -0.66
C07 UKZ B . 15.00 12.24 -1.70
C08 UKZ B . 15.48 13.55 -1.83
C09 UKZ B . 15.14 14.51 -0.86
N02 UKZ B . 13.89 14.95 1.28
C11 UKZ B . 13.10 14.26 2.11
O02 UKZ B . 12.62 14.69 3.16
C12 UKZ B . 12.97 12.85 1.58
C14 UKZ B . 11.41 8.67 -2.18
O03 UKZ B . 11.35 9.32 -3.46
C16 UKZ B . 10.57 6.64 -3.45
C18 UKZ B . 9.35 4.86 -2.38
C19 UKZ B . 9.52 5.49 -1.16
CL UKZ B . 8.83 4.78 0.27
C1 GOL C . 17.52 8.92 8.53
O1 GOL C . 17.22 8.16 7.38
C2 GOL C . 18.61 8.22 9.28
O2 GOL C . 18.08 7.08 9.95
C3 GOL C . 19.56 7.76 8.22
O3 GOL C . 19.88 8.81 7.34
#